data_3E8O
#
_entry.id   3E8O
#
_cell.length_a   33.715
_cell.length_b   59.639
_cell.length_c   47.511
_cell.angle_alpha   90.000
_cell.angle_beta   97.180
_cell.angle_gamma   90.000
#
_symmetry.space_group_name_H-M   'P 1 21 1'
#
loop_
_entity.id
_entity.type
_entity.pdbx_description
1 polymer 'uncharacterized protein with ferredoxin-like fold'
2 non-polymer 'UNKNOWN LIGAND'
3 non-polymer 1,2-ETHANEDIOL
4 water water
#
_entity_poly.entity_id   1
_entity_poly.type   'polypeptide(L)'
_entity_poly.pdbx_seq_one_letter_code
;G(MSE)SPQS(MSE)LTSPQHPRRTT(MSE)VISHGTLSASAEHAAHLRQLLVHIAQATRQEDGCLLYLVSEDLSQPGHF
LITEHWDNLGA(MSE)HTHLALPGVTQAIDALKHLNVTDLKITAYEAGEAINI(MSE)G
;
_entity_poly.pdbx_strand_id   A,B
#
# COMPACT_ATOMS: atom_id res chain seq x y z
N THR A 18 3.66 -13.15 16.14
CA THR A 18 4.41 -12.40 15.06
C THR A 18 3.41 -11.71 14.13
N VAL A 20 1.76 -10.01 10.95
CA VAL A 20 1.73 -10.47 9.56
C VAL A 20 1.31 -9.32 8.67
N ILE A 21 2.03 -9.16 7.57
CA ILE A 21 1.72 -8.14 6.57
C ILE A 21 1.18 -8.82 5.34
N SER A 22 0.04 -8.33 4.86
CA SER A 22 -0.55 -8.80 3.58
C SER A 22 -0.45 -7.71 2.53
N HIS A 23 -0.11 -8.10 1.31
CA HIS A 23 -0.04 -7.20 0.14
C HIS A 23 -0.88 -7.80 -0.97
N GLY A 24 -1.89 -7.04 -1.39
CA GLY A 24 -2.79 -7.48 -2.45
C GLY A 24 -2.91 -6.47 -3.52
N THR A 25 -3.04 -6.98 -4.74
CA THR A 25 -3.27 -6.14 -5.91
C THR A 25 -4.43 -6.72 -6.72
N LEU A 26 -5.12 -5.81 -7.40
CA LEU A 26 -6.29 -6.11 -8.24
C LEU A 26 -6.59 -4.93 -9.12
N SER A 27 -7.30 -5.15 -10.23
CA SER A 27 -7.65 -4.04 -11.11
C SER A 27 -9.01 -4.22 -11.69
N ALA A 28 -9.59 -3.13 -12.16
CA ALA A 28 -10.89 -3.15 -12.83
C ALA A 28 -10.79 -2.40 -14.13
N SER A 29 -11.68 -2.78 -15.04
CA SER A 29 -11.85 -2.04 -16.29
C SER A 29 -12.43 -0.67 -15.98
N ALA A 30 -12.35 0.23 -16.95
CA ALA A 30 -12.89 1.58 -16.78
C ALA A 30 -14.35 1.54 -16.38
N GLU A 31 -15.06 0.60 -16.96
CA GLU A 31 -16.49 0.42 -16.72
C GLU A 31 -16.86 0.06 -15.30
N HIS A 32 -15.98 -0.63 -14.63
CA HIS A 32 -16.29 -1.18 -13.28
C HIS A 32 -15.48 -0.57 -12.14
N ALA A 33 -14.61 0.36 -12.48
CA ALA A 33 -13.69 0.92 -11.46
C ALA A 33 -14.42 1.63 -10.34
N ALA A 34 -15.42 2.44 -10.67
CA ALA A 34 -16.16 3.15 -9.61
C ALA A 34 -16.82 2.18 -8.61
N HIS A 35 -17.39 1.11 -9.14
CA HIS A 35 -18.00 0.08 -8.33
CA HIS A 35 -17.99 0.10 -8.28
C HIS A 35 -16.95 -0.62 -7.44
N LEU A 36 -15.77 -0.83 -8.01
CA LEU A 36 -14.74 -1.51 -7.23
C LEU A 36 -14.22 -0.63 -6.09
N ARG A 37 -14.13 0.67 -6.36
CA ARG A 37 -13.66 1.57 -5.32
C ARG A 37 -14.62 1.57 -4.15
N GLN A 38 -15.91 1.62 -4.48
CA GLN A 38 -16.93 1.60 -3.44
C GLN A 38 -16.87 0.32 -2.62
N LEU A 39 -16.72 -0.80 -3.31
CA LEU A 39 -16.62 -2.11 -2.65
C LEU A 39 -15.41 -2.18 -1.72
N LEU A 40 -14.28 -1.68 -2.21
CA LEU A 40 -13.05 -1.71 -1.43
C LEU A 40 -13.15 -0.86 -0.16
N VAL A 41 -13.74 0.32 -0.29
CA VAL A 41 -13.91 1.20 0.87
C VAL A 41 -14.82 0.53 1.90
N HIS A 42 -15.85 -0.16 1.40
CA HIS A 42 -16.80 -0.85 2.29
C HIS A 42 -16.12 -1.98 3.03
N ILE A 43 -15.35 -2.77 2.30
CA ILE A 43 -14.61 -3.92 2.88
C ILE A 43 -13.62 -3.43 3.95
N ALA A 44 -12.95 -2.32 3.65
CA ALA A 44 -11.98 -1.76 4.61
C ALA A 44 -12.64 -1.30 5.90
N GLN A 45 -13.80 -0.64 5.78
CA GLN A 45 -14.50 -0.11 6.94
C GLN A 45 -14.90 -1.27 7.87
N ALA A 46 -15.33 -2.37 7.27
CA ALA A 46 -15.78 -3.53 8.04
C ALA A 46 -14.59 -4.24 8.67
N THR A 47 -13.51 -4.40 7.89
CA THR A 47 -12.40 -5.25 8.33
C THR A 47 -11.64 -4.65 9.46
N ARG A 48 -11.54 -3.34 9.44
CA ARG A 48 -10.83 -2.63 10.49
C ARG A 48 -11.40 -2.87 11.85
N GLN A 49 -12.65 -3.29 11.91
CA GLN A 49 -13.32 -3.55 13.18
C GLN A 49 -13.03 -4.93 13.78
N GLU A 50 -12.36 -5.75 13.03
CA GLU A 50 -12.13 -7.13 13.40
C GLU A 50 -11.01 -7.37 14.36
N ASP A 51 -11.19 -8.43 15.15
CA ASP A 51 -10.17 -8.87 16.06
C ASP A 51 -8.83 -9.05 15.31
N GLY A 52 -7.80 -8.48 15.89
CA GLY A 52 -6.46 -8.63 15.36
C GLY A 52 -6.09 -7.79 14.18
N CYS A 53 -7.04 -6.99 13.65
CA CYS A 53 -6.77 -6.13 12.50
C CYS A 53 -6.09 -4.87 12.97
N LEU A 54 -4.81 -4.74 12.62
CA LEU A 54 -4.04 -3.56 13.05
C LEU A 54 -4.01 -2.48 11.98
N LEU A 55 -4.21 -2.88 10.75
CA LEU A 55 -4.21 -1.94 9.61
C LEU A 55 -4.92 -2.59 8.44
N TYR A 56 -5.75 -1.83 7.76
CA TYR A 56 -6.39 -2.28 6.50
C TYR A 56 -6.65 -1.05 5.66
N LEU A 57 -5.84 -0.90 4.63
CA LEU A 57 -5.91 0.22 3.71
C LEU A 57 -6.15 -0.27 2.28
N VAL A 58 -7.02 0.45 1.60
CA VAL A 58 -7.30 0.21 0.21
C VAL A 58 -6.94 1.48 -0.55
N SER A 59 -6.15 1.33 -1.60
CA SER A 59 -5.56 2.50 -2.30
C SER A 59 -5.48 2.27 -3.80
N GLU A 60 -5.28 3.35 -4.51
CA GLU A 60 -5.20 3.32 -5.97
C GLU A 60 -3.83 3.81 -6.43
N ASP A 61 -3.24 3.02 -7.30
CA ASP A 61 -1.89 3.23 -7.82
C ASP A 61 -1.85 4.55 -8.59
N LEU A 62 -1.03 5.50 -8.13
CA LEU A 62 -0.92 6.80 -8.81
C LEU A 62 -0.37 6.62 -10.25
N SER A 63 0.43 5.56 -10.44
CA SER A 63 1.17 5.22 -11.69
C SER A 63 0.29 4.44 -12.67
N GLN A 64 -0.87 3.99 -12.20
CA GLN A 64 -1.80 3.16 -13.00
C GLN A 64 -3.25 3.20 -12.53
N PRO A 65 -4.03 4.16 -13.03
CA PRO A 65 -5.44 4.29 -12.69
C PRO A 65 -6.18 2.99 -12.93
N GLY A 66 -7.04 2.65 -11.98
CA GLY A 66 -7.85 1.45 -12.05
C GLY A 66 -7.16 0.24 -11.49
N HIS A 67 -5.95 0.45 -10.97
CA HIS A 67 -5.14 -0.63 -10.30
C HIS A 67 -5.06 -0.26 -8.83
N PHE A 68 -5.39 -1.25 -8.00
CA PHE A 68 -5.58 -1.04 -6.57
C PHE A 68 -4.70 -1.96 -5.76
N LEU A 69 -4.49 -1.50 -4.53
CA LEU A 69 -3.69 -2.17 -3.53
CA LEU A 69 -3.70 -2.18 -3.51
C LEU A 69 -4.50 -2.36 -2.25
N ILE A 70 -4.31 -3.50 -1.63
CA ILE A 70 -4.89 -3.83 -0.34
C ILE A 70 -3.72 -4.11 0.59
N THR A 71 -3.57 -3.28 1.62
CA THR A 71 -2.47 -3.34 2.59
C THR A 71 -3.04 -3.68 3.95
N GLU A 72 -2.56 -4.79 4.52
CA GLU A 72 -3.11 -5.23 5.81
C GLU A 72 -2.01 -5.62 6.78
N HIS A 73 -2.23 -5.30 8.05
CA HIS A 73 -1.39 -5.77 9.14
C HIS A 73 -2.28 -6.48 10.14
N TRP A 74 -1.92 -7.71 10.45
CA TRP A 74 -2.67 -8.59 11.39
C TRP A 74 -1.77 -8.94 12.55
N ASP A 75 -2.38 -9.06 13.73
CA ASP A 75 -1.60 -9.32 14.94
C ASP A 75 -0.86 -10.64 14.85
N ASN A 76 -1.52 -11.63 14.21
CA ASN A 76 -0.93 -12.95 14.06
C ASN A 76 -1.64 -13.67 12.93
N LEU A 77 -1.02 -14.76 12.50
CA LEU A 77 -1.57 -15.58 11.42
C LEU A 77 -2.94 -16.11 11.70
N GLY A 78 -3.18 -16.47 12.95
CA GLY A 78 -4.47 -17.02 13.32
C GLY A 78 -5.61 -16.02 13.11
N ALA A 79 -5.36 -14.76 13.46
CA ALA A 79 -6.35 -13.71 13.28
C ALA A 79 -6.62 -13.49 11.80
N HIS A 81 -6.31 -15.71 9.40
CA HIS A 81 -7.04 -16.88 8.93
C HIS A 81 -8.52 -16.80 9.29
N THR A 82 -8.77 -16.27 10.47
CA THR A 82 -10.15 -16.08 10.91
C THR A 82 -10.89 -15.09 10.00
N HIS A 83 -10.21 -14.02 9.68
CA HIS A 83 -10.72 -13.05 8.75
C HIS A 83 -11.05 -13.66 7.38
N LEU A 84 -10.10 -14.44 6.88
CA LEU A 84 -10.20 -15.04 5.56
C LEU A 84 -11.40 -15.99 5.40
N ALA A 85 -11.81 -16.53 6.53
CA ALA A 85 -12.89 -17.54 6.56
C ALA A 85 -14.26 -16.92 6.76
N LEU A 86 -14.29 -15.61 6.95
CA LEU A 86 -15.58 -14.91 7.20
C LEU A 86 -16.54 -14.92 6.01
N PRO A 87 -17.85 -14.99 6.27
CA PRO A 87 -18.81 -14.95 5.18
C PRO A 87 -18.73 -13.68 4.38
N GLY A 88 -18.40 -12.57 5.03
CA GLY A 88 -18.27 -11.27 4.37
C GLY A 88 -17.15 -11.24 3.34
N VAL A 89 -16.13 -12.06 3.57
CA VAL A 89 -14.97 -12.17 2.65
C VAL A 89 -15.43 -12.96 1.43
N THR A 90 -16.17 -14.04 1.67
CA THR A 90 -16.71 -14.84 0.56
C THR A 90 -17.59 -13.98 -0.33
N GLN A 91 -18.42 -13.15 0.33
CA GLN A 91 -19.34 -12.29 -0.36
C GLN A 91 -18.60 -11.26 -1.19
N ALA A 92 -17.49 -10.75 -0.65
CA ALA A 92 -16.70 -9.73 -1.36
C ALA A 92 -16.04 -10.34 -2.59
N ILE A 93 -15.52 -11.55 -2.44
CA ILE A 93 -14.90 -12.27 -3.56
C ILE A 93 -15.92 -12.51 -4.64
N ASP A 94 -17.12 -12.85 -4.22
CA ASP A 94 -18.20 -13.10 -5.18
C ASP A 94 -18.54 -11.84 -5.97
N ALA A 95 -18.55 -10.74 -5.26
CA ALA A 95 -18.86 -9.44 -5.87
C ALA A 95 -17.84 -9.09 -6.97
N LEU A 96 -16.60 -9.48 -6.73
CA LEU A 96 -15.54 -9.22 -7.71
C LEU A 96 -15.80 -9.93 -9.02
N LYS A 97 -16.36 -11.12 -8.91
CA LYS A 97 -16.66 -11.94 -10.10
C LYS A 97 -17.58 -11.18 -11.00
N HIS A 98 -18.49 -10.50 -10.35
CA HIS A 98 -19.51 -9.75 -11.07
C HIS A 98 -19.07 -8.43 -11.67
N LEU A 99 -17.92 -7.96 -11.19
CA LEU A 99 -17.29 -6.77 -11.71
C LEU A 99 -16.19 -7.17 -12.73
N ASN A 100 -16.17 -8.47 -13.00
CA ASN A 100 -15.15 -9.11 -13.86
C ASN A 100 -13.75 -8.73 -13.46
N VAL A 101 -13.59 -8.64 -12.13
CA VAL A 101 -12.25 -8.44 -11.55
C VAL A 101 -11.68 -9.81 -11.30
N THR A 102 -10.69 -10.18 -12.10
CA THR A 102 -10.18 -11.55 -12.10
C THR A 102 -8.72 -11.66 -11.73
N ASP A 103 -8.12 -10.55 -11.32
CA ASP A 103 -6.67 -10.55 -11.07
C ASP A 103 -6.30 -10.30 -9.63
N LEU A 104 -7.23 -10.46 -8.71
CA LEU A 104 -6.82 -10.27 -7.32
C LEU A 104 -5.79 -11.30 -6.90
N LYS A 105 -4.67 -10.83 -6.36
CA LYS A 105 -3.62 -11.68 -5.81
C LYS A 105 -3.18 -11.11 -4.48
N ILE A 106 -3.17 -11.98 -3.49
CA ILE A 106 -2.74 -11.58 -2.13
C ILE A 106 -1.69 -12.54 -1.62
N THR A 107 -0.61 -11.95 -1.14
CA THR A 107 0.51 -12.69 -0.52
C THR A 107 0.77 -12.05 0.84
N ALA A 108 1.01 -12.87 1.83
CA ALA A 108 1.27 -12.43 3.22
C ALA A 108 2.67 -12.85 3.62
N TYR A 109 3.18 -12.17 4.64
CA TYR A 109 4.54 -12.41 5.14
C TYR A 109 4.56 -12.13 6.63
N GLU A 110 5.14 -13.03 7.40
CA GLU A 110 5.40 -12.74 8.81
C GLU A 110 6.46 -11.65 8.84
N ALA A 111 6.27 -10.73 9.76
CA ALA A 111 7.11 -9.55 9.89
C ALA A 111 7.93 -9.59 11.15
N GLY A 112 9.16 -9.11 11.03
CA GLY A 112 10.04 -8.91 12.18
C GLY A 112 9.60 -7.66 12.93
N GLU A 113 10.37 -7.28 13.95
CA GLU A 113 10.06 -6.07 14.71
C GLU A 113 10.12 -4.84 13.81
N ALA A 114 9.27 -3.92 14.11
CA ALA A 114 9.22 -2.64 13.38
C ALA A 114 10.57 -1.98 13.44
N ILE A 115 11.00 -1.50 12.29
CA ILE A 115 12.18 -0.66 12.14
C ILE A 115 11.68 0.77 11.82
N ASN A 116 11.82 1.69 12.77
CA ASN A 116 11.38 3.08 12.56
C ASN A 116 12.41 3.83 11.72
N ILE A 117 12.04 4.13 10.49
CA ILE A 117 12.96 4.78 9.55
C ILE A 117 12.82 6.27 9.60
N GLY A 119 9.92 9.41 11.13
CA GLY A 119 8.72 9.81 11.88
C GLY A 119 8.41 8.87 13.00
N VAL B 20 12.93 -7.09 2.66
CA VAL B 20 12.52 -6.07 3.63
C VAL B 20 11.36 -5.29 3.01
N ILE B 21 10.29 -5.15 3.77
CA ILE B 21 9.13 -4.39 3.35
C ILE B 21 9.16 -3.05 4.04
N SER B 22 8.94 -1.99 3.26
CA SER B 22 8.77 -0.66 3.82
C SER B 22 7.33 -0.22 3.55
N HIS B 23 6.76 0.39 4.57
CA HIS B 23 5.40 0.94 4.58
C HIS B 23 5.50 2.39 5.02
N GLY B 24 5.18 3.27 4.10
CA GLY B 24 5.26 4.72 4.34
C GLY B 24 3.93 5.40 4.08
N THR B 25 3.63 6.34 4.95
CA THR B 25 2.39 7.14 4.85
C THR B 25 2.72 8.62 4.98
N LEU B 26 1.93 9.41 4.27
CA LEU B 26 2.08 10.86 4.26
C LEU B 26 0.82 11.46 3.66
N SER B 27 0.58 12.73 3.96
CA SER B 27 -0.60 13.40 3.41
C SER B 27 -0.35 14.86 3.12
N ALA B 28 -1.22 15.40 2.31
CA ALA B 28 -1.14 16.82 1.87
C ALA B 28 -2.54 17.42 1.73
N SER B 29 -2.58 18.72 1.91
CA SER B 29 -3.76 19.51 1.64
C SER B 29 -4.01 19.53 0.14
N ALA B 30 -5.24 19.86 -0.22
CA ALA B 30 -5.63 19.88 -1.62
C ALA B 30 -4.80 20.82 -2.45
N GLU B 31 -4.33 21.90 -1.84
CA GLU B 31 -3.43 22.94 -2.47
CA GLU B 31 -3.53 22.86 -2.64
C GLU B 31 -2.16 22.34 -3.00
N HIS B 32 -1.65 21.39 -2.24
CA HIS B 32 -0.34 20.80 -2.51
C HIS B 32 -0.35 19.38 -3.03
N ALA B 33 -1.52 18.77 -2.99
CA ALA B 33 -1.61 17.33 -3.30
C ALA B 33 -1.22 16.98 -4.73
N ALA B 34 -1.54 17.85 -5.70
CA ALA B 34 -1.17 17.54 -7.06
C ALA B 34 0.34 17.46 -7.20
N HIS B 35 1.04 18.41 -6.61
CA HIS B 35 2.51 18.38 -6.61
C HIS B 35 3.05 17.18 -5.89
N LEU B 36 2.37 16.78 -4.81
CA LEU B 36 2.81 15.55 -4.07
C LEU B 36 2.64 14.31 -4.93
N ARG B 37 1.51 14.22 -5.62
CA ARG B 37 1.29 13.06 -6.51
C ARG B 37 2.39 12.97 -7.56
N GLN B 38 2.71 14.12 -8.20
CA GLN B 38 3.75 14.12 -9.24
C GLN B 38 5.11 13.74 -8.68
N LEU B 39 5.42 14.27 -7.52
CA LEU B 39 6.67 13.90 -6.82
C LEU B 39 6.76 12.42 -6.56
N LEU B 40 5.66 11.85 -6.06
CA LEU B 40 5.64 10.42 -5.71
C LEU B 40 5.85 9.57 -6.95
N VAL B 41 5.16 9.91 -8.04
CA VAL B 41 5.29 9.15 -9.29
C VAL B 41 6.74 9.22 -9.80
N HIS B 42 7.32 10.40 -9.69
CA HIS B 42 8.69 10.61 -10.15
C HIS B 42 9.66 9.75 -9.35
N ILE B 43 9.55 9.78 -8.02
CA ILE B 43 10.42 9.01 -7.15
C ILE B 43 10.25 7.52 -7.40
N ALA B 44 9.01 7.08 -7.62
CA ALA B 44 8.77 5.67 -7.86
C ALA B 44 9.46 5.21 -9.16
N GLN B 45 9.37 6.03 -10.21
CA GLN B 45 9.96 5.69 -11.51
C GLN B 45 11.47 5.56 -11.38
N ALA B 46 12.05 6.44 -10.63
CA ALA B 46 13.48 6.40 -10.39
C ALA B 46 13.88 5.21 -9.55
N THR B 47 13.15 4.99 -8.47
CA THR B 47 13.57 4.00 -7.47
C THR B 47 13.50 2.59 -7.97
N ARG B 48 12.55 2.35 -8.88
CA ARG B 48 12.39 1.02 -9.46
C ARG B 48 13.62 0.52 -10.20
N GLN B 49 14.46 1.47 -10.60
CA GLN B 49 15.69 1.13 -11.34
C GLN B 49 16.87 0.81 -10.43
N GLU B 50 16.70 1.05 -9.14
CA GLU B 50 17.82 0.91 -8.17
C GLU B 50 18.09 -0.52 -7.80
N ASP B 51 19.35 -0.77 -7.50
CA ASP B 51 19.78 -2.12 -7.09
CA ASP B 51 19.78 -2.08 -7.08
C ASP B 51 18.99 -2.60 -5.90
N GLY B 52 18.48 -3.80 -6.02
CA GLY B 52 17.74 -4.43 -4.93
C GLY B 52 16.31 -3.99 -4.76
N CYS B 53 15.86 -3.06 -5.61
CA CYS B 53 14.46 -2.61 -5.50
C CYS B 53 13.57 -3.58 -6.27
N LEU B 54 12.74 -4.31 -5.54
CA LEU B 54 11.86 -5.29 -6.14
C LEU B 54 10.50 -4.72 -6.46
N LEU B 55 10.08 -3.79 -5.64
CA LEU B 55 8.76 -3.17 -5.79
C LEU B 55 8.81 -1.79 -5.20
N TYR B 56 8.17 -0.85 -5.89
CA TYR B 56 8.03 0.50 -5.34
C TYR B 56 6.72 1.08 -5.91
N LEU B 57 5.68 1.09 -5.08
CA LEU B 57 4.37 1.57 -5.48
C LEU B 57 4.00 2.77 -4.65
N VAL B 58 3.44 3.73 -5.33
CA VAL B 58 2.89 4.92 -4.71
C VAL B 58 1.40 4.98 -4.99
N SER B 59 0.59 5.12 -3.93
CA SER B 59 -0.87 5.00 -4.08
C SER B 59 -1.58 5.98 -3.16
N GLU B 60 -2.85 6.21 -3.46
CA GLU B 60 -3.70 7.11 -2.74
C GLU B 60 -4.83 6.34 -2.09
N ASP B 61 -5.03 6.66 -0.81
CA ASP B 61 -6.03 6.01 0.04
C ASP B 61 -7.41 6.31 -0.47
N LEU B 62 -8.16 5.27 -0.84
CA LEU B 62 -9.51 5.48 -1.33
C LEU B 62 -10.44 6.00 -0.28
N SER B 63 -10.12 5.72 0.97
CA SER B 63 -10.95 6.09 2.14
C SER B 63 -10.64 7.48 2.61
N GLN B 64 -9.50 8.02 2.16
CA GLN B 64 -8.98 9.33 2.59
C GLN B 64 -8.20 10.06 1.49
N PRO B 65 -8.89 10.74 0.61
CA PRO B 65 -8.20 11.54 -0.42
C PRO B 65 -7.14 12.46 0.18
N GLY B 66 -6.02 12.56 -0.54
CA GLY B 66 -4.87 13.34 -0.06
C GLY B 66 -3.91 12.59 0.81
N HIS B 67 -4.27 11.36 1.17
CA HIS B 67 -3.39 10.50 1.95
C HIS B 67 -2.76 9.47 1.03
N PHE B 68 -1.45 9.32 1.17
CA PHE B 68 -0.67 8.47 0.30
C PHE B 68 0.06 7.38 1.02
N LEU B 69 0.34 6.32 0.26
CA LEU B 69 1.05 5.16 0.75
CA LEU B 69 1.08 5.16 0.73
C LEU B 69 2.24 4.89 -0.19
N ILE B 70 3.38 4.60 0.41
CA ILE B 70 4.60 4.21 -0.29
C ILE B 70 4.90 2.78 0.14
N THR B 71 4.75 1.87 -0.81
CA THR B 71 4.93 0.43 -0.56
C THR B 71 6.21 0.00 -1.26
N GLU B 72 7.18 -0.53 -0.48
CA GLU B 72 8.48 -0.88 -1.08
C GLU B 72 8.86 -2.25 -0.63
N HIS B 73 9.43 -2.99 -1.57
CA HIS B 73 10.03 -4.29 -1.27
C HIS B 73 11.49 -4.22 -1.72
N TRP B 74 12.41 -4.49 -0.80
CA TRP B 74 13.86 -4.47 -1.05
C TRP B 74 14.44 -5.86 -0.85
N ASP B 75 15.38 -6.24 -1.71
CA ASP B 75 15.98 -7.56 -1.63
C ASP B 75 16.66 -7.83 -0.29
N ASN B 76 17.26 -6.79 0.27
CA ASN B 76 17.97 -6.89 1.53
C ASN B 76 18.03 -5.50 2.18
N LEU B 77 18.38 -5.49 3.44
CA LEU B 77 18.38 -4.29 4.27
C LEU B 77 19.41 -3.31 3.73
N GLY B 78 20.56 -3.81 3.34
CA GLY B 78 21.58 -2.91 2.85
C GLY B 78 21.18 -2.16 1.61
N ALA B 79 20.42 -2.81 0.75
CA ALA B 79 19.96 -2.16 -0.48
C ALA B 79 19.01 -1.03 -0.14
N HIS B 81 19.06 0.63 2.75
CA HIS B 81 19.89 1.67 3.33
C HIS B 81 20.58 2.53 2.26
N THR B 82 21.07 1.87 1.23
CA THR B 82 21.73 2.56 0.10
C THR B 82 20.76 3.55 -0.52
N HIS B 83 19.55 3.11 -0.73
CA HIS B 83 18.50 3.98 -1.26
C HIS B 83 18.27 5.17 -0.34
N LEU B 84 18.11 4.90 0.96
CA LEU B 84 17.80 5.97 1.91
C LEU B 84 18.88 7.05 2.01
N ALA B 85 20.08 6.68 1.64
CA ALA B 85 21.24 7.55 1.70
C ALA B 85 21.44 8.39 0.44
N LEU B 86 20.66 8.12 -0.59
CA LEU B 86 20.84 8.80 -1.88
C LEU B 86 20.53 10.29 -1.80
N PRO B 87 21.27 11.09 -2.57
CA PRO B 87 20.99 12.53 -2.55
C PRO B 87 19.59 12.85 -3.02
N GLY B 88 19.09 12.05 -3.93
CA GLY B 88 17.75 12.25 -4.47
C GLY B 88 16.68 12.08 -3.42
N VAL B 89 16.96 11.19 -2.49
CA VAL B 89 16.02 10.96 -1.39
C VAL B 89 16.01 12.13 -0.44
N THR B 90 17.19 12.63 -0.14
CA THR B 90 17.31 13.79 0.76
C THR B 90 16.55 14.94 0.16
N GLN B 91 16.73 15.11 -1.13
CA GLN B 91 16.06 16.19 -1.85
C GLN B 91 14.55 16.02 -1.85
N ALA B 92 14.09 14.79 -1.99
CA ALA B 92 12.63 14.54 -1.98
C ALA B 92 12.06 14.90 -0.62
N ILE B 93 12.76 14.56 0.43
CA ILE B 93 12.31 14.87 1.80
C ILE B 93 12.22 16.38 2.01
N ASP B 94 13.22 17.10 1.53
CA ASP B 94 13.16 18.57 1.62
C ASP B 94 11.99 19.11 0.82
N ALA B 95 11.73 18.49 -0.33
CA ALA B 95 10.60 18.88 -1.16
C ALA B 95 9.28 18.73 -0.40
N LEU B 96 9.16 17.66 0.37
CA LEU B 96 7.92 17.41 1.11
C LEU B 96 7.69 18.53 2.06
N LYS B 97 8.77 19.01 2.63
CA LYS B 97 8.68 20.01 3.69
C LYS B 97 8.05 21.24 3.13
N HIS B 98 8.39 21.52 1.89
CA HIS B 98 7.93 22.71 1.23
C HIS B 98 6.56 22.57 0.51
N LEU B 99 6.03 21.37 0.62
CA LEU B 99 4.63 21.08 0.22
C LEU B 99 3.79 21.00 1.49
N ASN B 100 4.34 21.43 2.61
CA ASN B 100 3.60 21.43 3.87
C ASN B 100 3.17 20.07 4.36
N VAL B 101 3.94 19.08 3.98
CA VAL B 101 3.75 17.73 4.49
C VAL B 101 4.47 17.60 5.79
N THR B 102 3.73 17.31 6.86
CA THR B 102 4.31 17.21 8.19
C THR B 102 4.17 15.85 8.86
N ASP B 103 3.56 14.89 8.16
CA ASP B 103 3.19 13.60 8.74
C ASP B 103 3.87 12.38 8.10
N LEU B 104 4.99 12.56 7.45
CA LEU B 104 5.70 11.40 6.87
C LEU B 104 6.14 10.43 7.96
N LYS B 105 5.76 9.18 7.75
CA LYS B 105 6.13 8.06 8.64
C LYS B 105 6.52 6.87 7.79
N ILE B 106 7.69 6.33 8.05
CA ILE B 106 8.17 5.16 7.33
C ILE B 106 8.63 4.12 8.31
N THR B 107 8.07 2.93 8.16
CA THR B 107 8.38 1.77 9.00
C THR B 107 8.74 0.60 8.10
N ALA B 108 9.83 -0.07 8.43
CA ALA B 108 10.27 -1.23 7.67
C ALA B 108 10.25 -2.45 8.54
N TYR B 109 10.14 -3.57 7.85
CA TYR B 109 10.06 -4.88 8.51
C TYR B 109 10.76 -5.93 7.68
N GLU B 110 11.54 -6.77 8.34
CA GLU B 110 12.11 -7.93 7.64
C GLU B 110 11.00 -8.94 7.46
N ALA B 111 10.85 -9.42 6.25
CA ALA B 111 9.77 -10.33 5.88
C ALA B 111 10.23 -11.78 5.79
N GLY B 112 9.39 -12.66 6.29
CA GLY B 112 9.61 -14.08 6.14
C GLY B 112 9.23 -14.59 4.77
N GLU B 113 9.10 -15.89 4.67
CA GLU B 113 8.72 -16.52 3.39
C GLU B 113 7.31 -16.17 3.00
N ALA B 114 7.08 -16.09 1.71
CA ALA B 114 5.75 -15.83 1.13
C ALA B 114 4.73 -16.86 1.58
N ILE B 115 3.58 -16.35 1.96
CA ILE B 115 2.40 -17.12 2.28
C ILE B 115 1.31 -16.77 1.26
N ASN B 116 1.04 -17.67 0.33
CA ASN B 116 -0.01 -17.43 -0.69
C ASN B 116 -1.37 -17.48 -0.07
N ILE B 117 -2.11 -16.39 -0.28
CA ILE B 117 -3.46 -16.25 0.32
C ILE B 117 -4.55 -16.53 -0.71
N GLY B 119 -5.43 -16.02 -5.30
CA GLY B 119 -5.02 -15.57 -6.64
C GLY B 119 -3.65 -15.95 -7.06
#